data_9UTD
#
_entry.id   9UTD
#
_cell.length_a   1.00
_cell.length_b   1.00
_cell.length_c   1.00
_cell.angle_alpha   90.00
_cell.angle_beta   90.00
_cell.angle_gamma   90.00
#
_symmetry.space_group_name_H-M   'P 1'
#
loop_
_entity.id
_entity.type
_entity.pdbx_description
1 polymer 'Auxin transporter protein 1'
2 non-polymer '(2,4-DICHLOROPHENOXY)ACETIC ACID'
3 non-polymer 'SODIUM ION'
#
_entity_poly.entity_id   1
_entity_poly.type   'polypeptide(L)'
_entity_poly.pdbx_seq_one_letter_code
;MSEGVEAIVANDNGTDQVNGNRTGKDNEEHDGSTGSNLSNFLWHGGSVWDAWFSCASNQVAQVLLTLPYSFSQLGMLSGI
VLQIFYGLLGSWTAYLISVLYVEYRARKEKEGKSFKNHVIQWFEVLDGLLGSYWKALGLAFNCTFLLFGSVIQLIACASN
IYYINDHLDKRTWTYIFGACCATTVFIPSFHNYRIWSFLGLGMTTYTAWYLAIASIIHGQAEGVKHSGPTKLVLYFTGAT
NILYTFGGHAVTVEIMHAMWKPQKFKYIYLMATLYVFTLTIPSAAAVYWAFGDALLDHSNAFSLMPKNAWRDAAVILMLI
HQFITFGFACTPLYFVWEKVIGMHDTKSICLRALARLPVVIPIWFLAIIFPFFGPINSAVGALLVSFTVYIIPSLAHMLT
YRSASARQNAAEKPPFFMPSWTAMYVLNAFVVVWVLIVGFGFGGWASVTNFVRQVDTFGLFAKCYQCKPAAAAAHAPVSA
LHHRL
;
_entity_poly.pdbx_strand_id   A
#
# COMPACT_ATOMS: atom_id res chain seq x y z
N PHE A 41 14.30 -24.72 1.05
CA PHE A 41 14.09 -25.42 2.31
C PHE A 41 14.49 -24.55 3.49
N LEU A 42 13.84 -24.77 4.64
CA LEU A 42 14.13 -24.04 5.88
C LEU A 42 13.96 -22.53 5.68
N TRP A 43 12.71 -22.12 5.49
CA TRP A 43 12.41 -20.78 5.03
C TRP A 43 11.85 -19.84 6.10
N HIS A 44 11.87 -20.24 7.37
CA HIS A 44 11.45 -19.37 8.47
C HIS A 44 10.07 -18.75 8.25
N GLY A 45 9.25 -19.38 7.41
CA GLY A 45 7.98 -18.78 7.03
C GLY A 45 6.78 -19.36 7.75
N GLY A 46 6.72 -20.67 7.90
CA GLY A 46 5.65 -21.32 8.62
C GLY A 46 4.94 -22.34 7.76
N SER A 47 3.68 -22.58 8.08
CA SER A 47 2.87 -23.59 7.40
C SER A 47 2.01 -22.93 6.33
N VAL A 48 1.08 -23.70 5.76
CA VAL A 48 0.23 -23.18 4.69
C VAL A 48 -0.63 -22.02 5.18
N TRP A 49 -1.13 -22.13 6.42
CA TRP A 49 -2.02 -21.11 6.94
C TRP A 49 -1.27 -19.79 7.18
N ASP A 50 -0.09 -19.86 7.79
CA ASP A 50 0.72 -18.65 7.95
C ASP A 50 1.15 -18.09 6.61
N ALA A 51 1.40 -18.97 5.63
CA ALA A 51 1.82 -18.51 4.31
C ALA A 51 0.71 -17.75 3.61
N TRP A 52 -0.54 -18.22 3.73
CA TRP A 52 -1.64 -17.50 3.13
C TRP A 52 -2.05 -16.28 3.96
N PHE A 53 -1.71 -16.29 5.25
CA PHE A 53 -1.96 -15.14 6.11
C PHE A 53 -1.02 -13.99 5.75
N SER A 54 0.00 -14.28 4.94
CA SER A 54 0.87 -13.25 4.40
C SER A 54 0.36 -12.65 3.10
N CYS A 55 -0.29 -13.45 2.25
CA CYS A 55 -0.96 -12.92 1.07
C CYS A 55 -2.28 -12.24 1.42
N ALA A 56 -2.88 -12.59 2.57
CA ALA A 56 -4.06 -11.86 3.02
C ALA A 56 -3.70 -10.42 3.37
N SER A 57 -2.55 -10.22 4.01
CA SER A 57 -2.04 -8.89 4.33
C SER A 57 -1.31 -8.32 3.13
N ASN A 58 -2.07 -8.14 2.05
CA ASN A 58 -1.61 -7.61 0.78
C ASN A 58 -2.59 -6.54 0.32
N GLN A 59 -2.90 -5.61 1.23
CA GLN A 59 -4.02 -4.69 1.07
C GLN A 59 -4.05 -4.05 -0.30
N VAL A 60 -5.12 -4.34 -1.05
CA VAL A 60 -5.37 -3.72 -2.35
C VAL A 60 -6.80 -3.23 -2.41
N ALA A 61 -7.38 -2.92 -1.25
CA ALA A 61 -8.81 -2.64 -1.19
C ALA A 61 -9.17 -1.33 -1.90
N GLN A 62 -8.66 -0.21 -1.41
CA GLN A 62 -9.12 1.09 -1.90
C GLN A 62 -8.61 1.36 -3.31
N VAL A 63 -7.38 0.97 -3.62
CA VAL A 63 -6.75 1.29 -4.90
C VAL A 63 -7.41 0.50 -6.02
N LEU A 64 -8.27 -0.45 -5.65
CA LEU A 64 -8.95 -1.27 -6.64
C LEU A 64 -9.93 -0.46 -7.49
N LEU A 65 -10.42 0.66 -6.98
CA LEU A 65 -11.43 1.45 -7.66
C LEU A 65 -10.83 2.50 -8.59
N THR A 66 -9.51 2.72 -8.52
CA THR A 66 -8.85 3.75 -9.32
C THR A 66 -7.97 3.16 -10.40
N LEU A 67 -8.01 1.86 -10.62
CA LEU A 67 -7.17 1.23 -11.64
C LEU A 67 -7.73 1.40 -13.05
N PRO A 68 -9.05 1.36 -13.28
CA PRO A 68 -9.54 1.69 -14.62
C PRO A 68 -9.17 3.09 -15.09
N TYR A 69 -9.11 4.04 -14.16
CA TYR A 69 -8.59 5.37 -14.45
C TYR A 69 -7.18 5.29 -15.05
N SER A 70 -6.30 4.53 -14.39
CA SER A 70 -4.94 4.37 -14.87
C SER A 70 -4.90 3.67 -16.23
N PHE A 71 -5.79 2.70 -16.44
CA PHE A 71 -5.87 2.03 -17.73
C PHE A 71 -6.28 3.01 -18.83
N SER A 72 -7.22 3.88 -18.54
CA SER A 72 -7.64 4.86 -19.54
C SER A 72 -6.53 5.87 -19.82
N GLN A 73 -5.64 6.10 -18.86
CA GLN A 73 -4.49 6.96 -19.09
C GLN A 73 -3.35 6.26 -19.82
N LEU A 74 -3.22 4.94 -19.69
CA LEU A 74 -2.13 4.20 -20.31
C LEU A 74 -2.51 3.44 -21.56
N GLY A 75 -3.67 2.78 -21.58
CA GLY A 75 -4.01 1.83 -22.61
C GLY A 75 -4.01 0.40 -22.09
N MET A 76 -4.37 -0.51 -22.98
CA MET A 76 -4.53 -1.90 -22.56
C MET A 76 -3.19 -2.63 -22.55
N LEU A 77 -2.29 -2.29 -23.46
CA LEU A 77 -1.04 -3.02 -23.57
C LEU A 77 -0.09 -2.66 -22.43
N SER A 78 -0.01 -1.38 -22.08
CA SER A 78 0.91 -0.97 -21.03
C SER A 78 0.34 -1.28 -19.65
N GLY A 79 -0.98 -1.34 -19.53
CA GLY A 79 -1.58 -1.53 -18.21
C GLY A 79 -1.33 -2.91 -17.62
N ILE A 80 -1.16 -3.92 -18.48
CA ILE A 80 -1.00 -5.28 -18.00
C ILE A 80 0.48 -5.59 -17.74
N VAL A 81 1.33 -5.18 -18.68
CA VAL A 81 2.76 -5.44 -18.56
C VAL A 81 3.32 -4.78 -17.31
N LEU A 82 2.89 -3.54 -17.03
CA LEU A 82 3.37 -2.84 -15.86
C LEU A 82 2.86 -3.47 -14.57
N GLN A 83 1.63 -3.98 -14.57
CA GLN A 83 1.12 -4.67 -13.39
C GLN A 83 1.96 -5.91 -13.08
N ILE A 84 2.27 -6.71 -14.10
CA ILE A 84 3.08 -7.90 -13.88
C ILE A 84 4.49 -7.52 -13.41
N PHE A 85 5.10 -6.56 -14.09
CA PHE A 85 6.42 -6.06 -13.72
C PHE A 85 6.47 -5.67 -12.24
N TYR A 86 5.57 -4.78 -11.82
CA TYR A 86 5.64 -4.27 -10.46
C TYR A 86 5.23 -5.30 -9.42
N GLY A 87 4.34 -6.24 -9.77
CA GLY A 87 4.05 -7.33 -8.84
C GLY A 87 5.27 -8.18 -8.56
N LEU A 88 6.02 -8.53 -9.62
CA LEU A 88 7.23 -9.32 -9.41
C LEU A 88 8.27 -8.55 -8.62
N LEU A 89 8.45 -7.25 -8.89
CA LEU A 89 9.41 -6.47 -8.13
C LEU A 89 9.03 -6.35 -6.67
N GLY A 90 7.73 -6.20 -6.39
CA GLY A 90 7.29 -6.14 -5.00
C GLY A 90 7.56 -7.43 -4.26
N SER A 91 7.30 -8.57 -4.89
CA SER A 91 7.63 -9.84 -4.24
C SER A 91 9.12 -9.97 -3.97
N TRP A 92 9.95 -9.53 -4.92
CA TRP A 92 11.40 -9.57 -4.71
C TRP A 92 11.81 -8.74 -3.50
N THR A 93 11.30 -7.51 -3.39
CA THR A 93 11.72 -6.66 -2.28
C THR A 93 11.21 -7.20 -0.94
N ALA A 94 10.03 -7.82 -0.92
CA ALA A 94 9.57 -8.46 0.32
C ALA A 94 10.52 -9.58 0.73
N TYR A 95 10.98 -10.38 -0.23
CA TYR A 95 11.98 -11.40 0.09
C TYR A 95 13.24 -10.78 0.68
N LEU A 96 13.69 -9.66 0.12
CA LEU A 96 14.89 -8.99 0.65
C LEU A 96 14.69 -8.57 2.11
N ILE A 97 13.55 -7.95 2.41
CA ILE A 97 13.29 -7.54 3.79
C ILE A 97 13.32 -8.74 4.73
N SER A 98 12.74 -9.86 4.29
CA SER A 98 12.76 -11.06 5.12
C SER A 98 14.18 -11.52 5.42
N VAL A 99 15.02 -11.63 4.38
CA VAL A 99 16.36 -12.16 4.60
C VAL A 99 17.18 -11.21 5.48
N LEU A 100 16.90 -9.91 5.41
CA LEU A 100 17.61 -8.98 6.29
C LEU A 100 17.19 -9.17 7.75
N TYR A 101 15.89 -9.36 7.99
CA TYR A 101 15.44 -9.67 9.34
C TYR A 101 16.17 -10.88 9.91
N VAL A 102 16.22 -11.96 9.13
CA VAL A 102 16.85 -13.18 9.60
C VAL A 102 18.34 -12.95 9.86
N GLU A 103 19.00 -12.21 8.98
CA GLU A 103 20.43 -11.93 9.15
C GLU A 103 20.70 -11.17 10.44
N TYR A 104 19.87 -10.17 10.74
CA TYR A 104 20.09 -9.38 11.95
C TYR A 104 19.90 -10.22 13.19
N ARG A 105 18.78 -10.95 13.27
CA ARG A 105 18.56 -11.79 14.45
C ARG A 105 19.67 -12.80 14.63
N ALA A 106 20.15 -13.40 13.54
CA ALA A 106 21.19 -14.42 13.63
C ALA A 106 22.50 -13.84 14.12
N ARG A 107 22.86 -12.64 13.65
CA ARG A 107 24.07 -11.98 14.13
C ARG A 107 23.97 -11.62 15.60
N LYS A 108 22.79 -11.15 16.04
CA LYS A 108 22.66 -10.68 17.41
C LYS A 108 22.64 -11.86 18.39
N GLU A 109 22.07 -13.00 17.99
CA GLU A 109 21.93 -14.11 18.92
C GLU A 109 23.27 -14.81 19.17
N LYS A 110 24.28 -14.54 18.35
CA LYS A 110 25.55 -15.25 18.51
C LYS A 110 26.44 -14.58 19.55
N GLU A 111 26.51 -13.25 19.54
CA GLU A 111 27.31 -12.55 20.54
C GLU A 111 26.67 -12.55 21.91
N GLY A 112 25.50 -13.16 22.06
CA GLY A 112 24.86 -13.28 23.36
C GLY A 112 23.70 -12.32 23.53
N LYS A 113 22.48 -12.81 23.33
CA LYS A 113 21.29 -11.98 23.45
C LYS A 113 20.07 -12.88 23.46
N SER A 114 19.02 -12.43 24.12
CA SER A 114 17.75 -13.14 24.17
C SER A 114 16.66 -12.22 23.64
N PHE A 115 15.98 -12.66 22.59
CA PHE A 115 14.90 -11.88 21.99
C PHE A 115 13.54 -12.29 22.51
N LYS A 116 13.48 -12.75 23.76
CA LYS A 116 12.22 -13.15 24.35
C LYS A 116 11.48 -11.93 24.91
N ASN A 117 10.16 -11.93 24.76
CA ASN A 117 9.31 -10.83 25.20
C ASN A 117 9.72 -9.51 24.55
N HIS A 118 10.20 -9.58 23.30
CA HIS A 118 10.64 -8.39 22.58
C HIS A 118 10.60 -8.70 21.09
N VAL A 119 9.67 -8.09 20.38
CA VAL A 119 9.59 -8.24 18.93
C VAL A 119 10.50 -7.22 18.27
N ILE A 120 11.13 -7.61 17.17
CA ILE A 120 12.09 -6.78 16.47
C ILE A 120 11.35 -5.86 15.51
N GLN A 121 11.90 -4.65 15.32
CA GLN A 121 11.32 -3.67 14.43
C GLN A 121 12.29 -3.37 13.29
N TRP A 122 11.78 -2.70 12.26
CA TRP A 122 12.56 -2.47 11.05
C TRP A 122 13.72 -1.51 11.33
N PHE A 123 13.45 -0.39 11.97
CA PHE A 123 14.52 0.57 12.26
C PHE A 123 15.57 -0.04 13.18
N GLU A 124 15.19 -0.99 14.03
CA GLU A 124 16.18 -1.68 14.84
C GLU A 124 17.08 -2.55 13.98
N VAL A 125 16.54 -3.22 12.98
CA VAL A 125 17.37 -4.02 12.08
C VAL A 125 18.31 -3.13 11.30
N LEU A 126 17.81 -2.00 10.81
CA LEU A 126 18.66 -1.07 10.07
C LEU A 126 19.78 -0.52 10.96
N ASP A 127 19.46 -0.16 12.20
CA ASP A 127 20.49 0.32 13.12
C ASP A 127 21.50 -0.76 13.42
N GLY A 128 21.05 -2.00 13.61
CA GLY A 128 21.98 -3.06 13.95
C GLY A 128 22.87 -3.47 12.80
N LEU A 129 22.41 -3.27 11.56
CA LEU A 129 23.21 -3.72 10.44
C LEU A 129 24.07 -2.62 9.83
N LEU A 130 23.56 -1.40 9.72
CA LEU A 130 24.22 -0.36 8.95
C LEU A 130 24.71 0.79 9.81
N GLY A 131 23.86 1.40 10.64
CA GLY A 131 24.30 2.51 11.45
C GLY A 131 23.11 3.34 11.89
N SER A 132 23.40 4.55 12.35
CA SER A 132 22.39 5.44 12.89
C SER A 132 21.75 6.34 11.84
N TYR A 133 22.48 6.70 10.78
CA TYR A 133 21.86 7.45 9.70
C TYR A 133 20.77 6.64 9.01
N TRP A 134 20.97 5.33 8.90
CA TRP A 134 19.92 4.48 8.33
C TRP A 134 18.76 4.31 9.30
N LYS A 135 19.04 4.27 10.59
CA LYS A 135 17.96 4.26 11.57
C LYS A 135 17.13 5.52 11.49
N ALA A 136 17.75 6.65 11.13
CA ALA A 136 16.98 7.88 10.96
C ALA A 136 16.18 7.89 9.66
N LEU A 137 16.79 7.41 8.57
CA LEU A 137 16.10 7.37 7.29
C LEU A 137 14.88 6.45 7.33
N GLY A 138 15.06 5.22 7.80
CA GLY A 138 14.00 4.24 7.79
C GLY A 138 12.93 4.51 8.83
N LEU A 139 13.13 5.53 9.64
CA LEU A 139 12.11 6.00 10.57
C LEU A 139 11.36 7.19 10.02
N ALA A 140 12.07 8.19 9.49
CA ALA A 140 11.41 9.33 8.86
C ALA A 140 10.51 8.89 7.71
N PHE A 141 11.02 8.02 6.83
CA PHE A 141 10.23 7.64 5.66
C PHE A 141 9.01 6.80 6.06
N ASN A 142 9.21 5.81 6.93
CA ASN A 142 8.11 4.96 7.35
C ASN A 142 7.11 5.67 8.24
N CYS A 143 7.46 6.82 8.83
CA CYS A 143 6.46 7.59 9.55
C CYS A 143 5.70 8.56 8.64
N THR A 144 6.39 9.18 7.68
CA THR A 144 5.69 10.04 6.72
C THR A 144 4.71 9.22 5.89
N PHE A 145 5.11 8.02 5.45
CA PHE A 145 4.21 7.20 4.67
C PHE A 145 2.99 6.79 5.46
N LEU A 146 3.18 6.43 6.74
CA LEU A 146 2.03 6.06 7.55
C LEU A 146 1.13 7.26 7.81
N LEU A 147 1.68 8.47 7.84
CA LEU A 147 0.84 9.65 7.97
C LEU A 147 0.00 9.86 6.72
N PHE A 148 0.62 9.70 5.54
CA PHE A 148 -0.09 10.00 4.30
C PHE A 148 -0.95 8.84 3.80
N GLY A 149 -0.80 7.65 4.36
CA GLY A 149 -1.66 6.54 3.98
C GLY A 149 -3.00 6.50 4.68
N SER A 150 -3.19 7.31 5.72
CA SER A 150 -4.47 7.41 6.41
C SER A 150 -5.34 8.55 5.90
N VAL A 151 -4.73 9.63 5.43
CA VAL A 151 -5.47 10.65 4.69
C VAL A 151 -6.22 10.01 3.53
N ILE A 152 -5.59 9.05 2.86
CA ILE A 152 -6.19 8.41 1.70
C ILE A 152 -7.37 7.55 2.10
N GLN A 153 -7.26 6.84 3.24
CA GLN A 153 -8.39 6.04 3.70
C GLN A 153 -9.56 6.92 4.12
N LEU A 154 -9.28 8.05 4.75
CA LEU A 154 -10.37 8.98 5.09
C LEU A 154 -11.02 9.54 3.83
N ILE A 155 -10.23 9.93 2.84
CA ILE A 155 -10.76 10.42 1.57
C ILE A 155 -11.66 9.38 0.93
N ALA A 156 -11.19 8.13 0.88
CA ALA A 156 -11.96 7.08 0.21
C ALA A 156 -13.23 6.74 0.98
N CYS A 157 -13.18 6.75 2.31
CA CYS A 157 -14.40 6.52 3.09
C CYS A 157 -15.42 7.61 2.82
N ALA A 158 -15.00 8.87 2.81
CA ALA A 158 -15.95 9.94 2.51
C ALA A 158 -16.43 9.91 1.07
N SER A 159 -15.68 9.30 0.16
CA SER A 159 -16.04 9.25 -1.24
C SER A 159 -17.01 8.14 -1.58
N ASN A 160 -16.79 6.93 -1.07
CA ASN A 160 -17.65 5.80 -1.40
C ASN A 160 -19.02 5.90 -0.78
N ILE A 161 -19.17 6.58 0.35
CA ILE A 161 -20.48 6.71 0.98
C ILE A 161 -21.40 7.60 0.15
N TYR A 162 -20.84 8.39 -0.76
CA TYR A 162 -21.66 9.25 -1.60
C TYR A 162 -22.51 8.45 -2.57
N TYR A 163 -22.07 7.25 -2.95
CA TYR A 163 -22.81 6.41 -3.87
C TYR A 163 -23.77 5.47 -3.16
N ILE A 164 -24.22 5.85 -1.96
CA ILE A 164 -25.31 5.20 -1.26
C ILE A 164 -26.34 6.27 -0.91
N ASN A 165 -25.90 7.32 -0.21
CA ASN A 165 -26.78 8.40 0.24
C ASN A 165 -26.18 9.71 -0.25
N ASP A 166 -26.56 10.13 -1.45
CA ASP A 166 -26.04 11.36 -2.04
C ASP A 166 -26.94 12.56 -1.74
N HIS A 167 -27.30 12.73 -0.48
CA HIS A 167 -28.01 13.93 -0.04
C HIS A 167 -27.09 14.94 0.62
N LEU A 168 -25.89 14.51 1.00
CA LEU A 168 -24.85 15.35 1.57
C LEU A 168 -23.61 15.23 0.70
N ASP A 169 -23.00 16.35 0.36
CA ASP A 169 -21.82 16.30 -0.48
C ASP A 169 -20.67 15.60 0.24
N LYS A 170 -19.55 15.45 -0.46
CA LYS A 170 -18.45 14.66 0.09
C LYS A 170 -17.71 15.39 1.20
N ARG A 171 -17.82 16.72 1.29
CA ARG A 171 -17.15 17.42 2.37
C ARG A 171 -17.87 17.25 3.69
N THR A 172 -19.20 17.18 3.66
CA THR A 172 -19.95 16.91 4.89
C THR A 172 -19.76 15.47 5.33
N TRP A 173 -19.69 14.54 4.38
CA TRP A 173 -19.34 13.18 4.75
C TRP A 173 -17.92 13.11 5.29
N THR A 174 -17.04 14.00 4.85
CA THR A 174 -15.69 14.05 5.44
C THR A 174 -15.74 14.57 6.87
N TYR A 175 -16.51 15.62 7.13
CA TYR A 175 -16.73 16.05 8.51
C TYR A 175 -17.16 14.89 9.38
N ILE A 176 -18.22 14.19 8.95
CA ILE A 176 -18.82 13.14 9.77
C ILE A 176 -17.87 11.98 9.96
N PHE A 177 -17.23 11.51 8.88
CA PHE A 177 -16.35 10.36 9.00
C PHE A 177 -15.05 10.70 9.70
N GLY A 178 -14.61 11.96 9.64
CA GLY A 178 -13.46 12.36 10.44
C GLY A 178 -13.79 12.42 11.92
N ALA A 179 -14.97 12.91 12.26
CA ALA A 179 -15.39 12.86 13.65
C ALA A 179 -15.52 11.42 14.14
N CYS A 180 -15.91 10.51 13.25
CA CYS A 180 -15.99 9.10 13.62
C CYS A 180 -14.61 8.47 13.77
N CYS A 181 -13.67 8.80 12.89
CA CYS A 181 -12.31 8.26 12.98
C CYS A 181 -11.49 8.88 14.09
N ALA A 182 -11.88 10.04 14.58
CA ALA A 182 -11.18 10.64 15.72
C ALA A 182 -11.54 9.98 17.03
N THR A 183 -12.22 8.85 17.01
CA THR A 183 -12.51 8.07 18.21
C THR A 183 -11.58 6.87 18.35
N THR A 184 -10.58 6.74 17.48
CA THR A 184 -9.56 5.72 17.63
C THR A 184 -8.52 6.08 18.66
N VAL A 185 -8.69 7.21 19.34
CA VAL A 185 -7.79 7.63 20.40
C VAL A 185 -8.28 7.02 21.71
N PHE A 186 -9.25 6.11 21.61
CA PHE A 186 -9.75 5.37 22.77
C PHE A 186 -9.51 3.87 22.66
N ILE A 187 -9.25 3.35 21.47
CA ILE A 187 -8.98 1.93 21.26
C ILE A 187 -7.50 1.66 21.46
N PRO A 188 -7.10 0.89 22.48
CA PRO A 188 -5.68 0.75 22.80
C PRO A 188 -4.87 0.09 21.69
N SER A 189 -5.27 -1.11 21.28
CA SER A 189 -4.58 -1.87 20.25
C SER A 189 -5.54 -2.93 19.71
N PHE A 190 -5.01 -3.87 18.93
CA PHE A 190 -5.78 -4.98 18.42
C PHE A 190 -5.39 -6.27 19.12
N HIS A 191 -6.39 -6.97 19.65
CA HIS A 191 -6.12 -8.25 20.31
C HIS A 191 -5.87 -9.35 19.30
N ASN A 192 -6.45 -9.22 18.10
CA ASN A 192 -6.31 -10.22 17.04
C ASN A 192 -6.19 -9.53 15.70
N TYR A 193 -5.22 -9.96 14.90
CA TYR A 193 -5.02 -9.45 13.56
C TYR A 193 -5.28 -10.49 12.47
N ARG A 194 -5.49 -11.76 12.86
CA ARG A 194 -5.74 -12.81 11.89
C ARG A 194 -7.12 -12.69 11.26
N ILE A 195 -8.15 -12.57 12.09
CA ILE A 195 -9.53 -12.60 11.61
C ILE A 195 -9.84 -11.38 10.76
N TRP A 196 -9.30 -10.22 11.16
CA TRP A 196 -9.54 -9.01 10.37
C TRP A 196 -9.00 -9.15 8.96
N SER A 197 -7.81 -9.72 8.81
CA SER A 197 -7.24 -9.89 7.48
C SER A 197 -7.99 -10.97 6.70
N PHE A 198 -8.37 -12.05 7.37
CA PHE A 198 -9.07 -13.12 6.64
C PHE A 198 -10.46 -12.67 6.20
N LEU A 199 -11.04 -11.69 6.88
CA LEU A 199 -12.32 -11.16 6.43
C LEU A 199 -12.12 -10.08 5.37
N GLY A 200 -11.05 -9.29 5.47
CA GLY A 200 -10.76 -8.31 4.44
C GLY A 200 -10.48 -8.96 3.11
N LEU A 201 -9.91 -10.15 3.12
CA LEU A 201 -9.67 -10.87 1.87
C LEU A 201 -10.98 -11.18 1.15
N GLY A 202 -11.98 -11.66 1.87
CA GLY A 202 -13.26 -11.94 1.23
C GLY A 202 -14.00 -10.68 0.83
N MET A 203 -13.90 -9.63 1.66
CA MET A 203 -14.50 -8.35 1.30
C MET A 203 -13.89 -7.76 0.04
N THR A 204 -12.62 -8.04 -0.24
CA THR A 204 -11.99 -7.61 -1.49
C THR A 204 -12.34 -8.53 -2.66
N THR A 205 -12.42 -9.85 -2.40
CA THR A 205 -12.73 -10.81 -3.45
C THR A 205 -14.15 -10.66 -3.98
N TYR A 206 -15.10 -10.20 -3.16
CA TYR A 206 -16.44 -9.95 -3.69
C TYR A 206 -16.44 -8.76 -4.65
N THR A 207 -15.77 -7.67 -4.28
CA THR A 207 -15.81 -6.47 -5.11
C THR A 207 -15.03 -6.66 -6.41
N ALA A 208 -13.88 -7.34 -6.34
CA ALA A 208 -13.06 -7.49 -7.53
C ALA A 208 -13.76 -8.34 -8.59
N TRP A 209 -14.72 -9.18 -8.19
CA TRP A 209 -15.46 -10.00 -9.14
C TRP A 209 -16.86 -9.48 -9.41
N TYR A 210 -17.36 -8.54 -8.61
CA TYR A 210 -18.53 -7.80 -9.04
C TYR A 210 -18.18 -6.80 -10.13
N LEU A 211 -17.04 -6.12 -10.00
CA LEU A 211 -16.68 -5.09 -10.97
C LEU A 211 -16.48 -5.65 -12.36
N ALA A 212 -16.07 -6.92 -12.48
CA ALA A 212 -15.87 -7.51 -13.79
C ALA A 212 -17.18 -8.00 -14.39
N ILE A 213 -17.98 -8.71 -13.59
CA ILE A 213 -19.19 -9.32 -14.13
C ILE A 213 -20.26 -8.28 -14.43
N ALA A 214 -20.42 -7.27 -13.58
CA ALA A 214 -21.37 -6.21 -13.87
C ALA A 214 -20.99 -5.47 -15.15
N SER A 215 -19.69 -5.27 -15.38
CA SER A 215 -19.25 -4.56 -16.57
C SER A 215 -19.41 -5.41 -17.82
N ILE A 216 -19.19 -6.71 -17.71
CA ILE A 216 -19.45 -7.59 -18.86
C ILE A 216 -20.93 -7.60 -19.19
N ILE A 217 -21.79 -7.74 -18.19
CA ILE A 217 -23.23 -7.80 -18.43
C ILE A 217 -23.74 -6.47 -19.00
N HIS A 218 -23.18 -5.36 -18.53
CA HIS A 218 -23.59 -4.06 -19.06
C HIS A 218 -23.19 -3.90 -20.52
N GLY A 219 -22.13 -4.58 -20.94
CA GLY A 219 -21.72 -4.55 -22.32
C GLY A 219 -21.11 -3.22 -22.72
N GLN A 220 -20.80 -3.13 -24.01
CA GLN A 220 -20.30 -1.90 -24.59
C GLN A 220 -21.46 -1.07 -25.15
N ALA A 221 -21.28 0.24 -25.14
CA ALA A 221 -22.29 1.16 -25.65
C ALA A 221 -22.11 1.31 -27.16
N GLU A 222 -22.79 2.29 -27.74
CA GLU A 222 -22.71 2.56 -29.18
C GLU A 222 -21.92 3.84 -29.38
N GLY A 223 -20.65 3.70 -29.75
CA GLY A 223 -19.82 4.85 -30.02
C GLY A 223 -18.90 5.22 -28.88
N VAL A 224 -18.39 4.23 -28.17
CA VAL A 224 -17.37 4.43 -27.15
C VAL A 224 -16.01 4.23 -27.78
N LYS A 225 -15.02 4.99 -27.31
CA LYS A 225 -13.71 5.03 -27.93
C LYS A 225 -12.63 4.69 -26.92
N HIS A 226 -11.65 3.89 -27.36
CA HIS A 226 -10.51 3.51 -26.54
C HIS A 226 -9.27 4.19 -27.13
N SER A 227 -9.03 5.42 -26.72
CA SER A 227 -7.81 6.14 -27.11
C SER A 227 -6.70 5.80 -26.12
N GLY A 228 -5.54 5.45 -26.63
CA GLY A 228 -4.45 5.00 -25.80
C GLY A 228 -3.74 6.16 -25.11
N PRO A 229 -2.41 6.13 -25.13
CA PRO A 229 -1.63 7.23 -24.56
C PRO A 229 -1.62 8.42 -25.50
N THR A 230 -1.91 9.60 -24.95
CA THR A 230 -1.86 10.84 -25.71
C THR A 230 -0.84 11.83 -25.17
N LYS A 231 -0.92 12.17 -23.88
CA LYS A 231 0.05 13.06 -23.26
C LYS A 231 1.04 12.27 -22.44
N LEU A 232 2.17 12.91 -22.14
CA LEU A 232 3.21 12.28 -21.32
C LEU A 232 2.88 12.33 -19.84
N VAL A 233 2.36 13.47 -19.38
CA VAL A 233 2.03 13.63 -17.97
C VAL A 233 1.03 12.57 -17.53
N LEU A 234 0.09 12.22 -18.42
CA LEU A 234 -0.92 11.23 -18.07
C LEU A 234 -0.34 9.81 -18.05
N TYR A 235 0.47 9.47 -19.06
CA TYR A 235 1.12 8.17 -19.05
C TYR A 235 1.91 7.95 -17.77
N PHE A 236 2.66 8.97 -17.36
CA PHE A 236 3.53 8.81 -16.20
C PHE A 236 2.83 9.05 -14.87
N THR A 237 1.64 9.62 -14.86
CA THR A 237 0.87 9.59 -13.63
C THR A 237 0.03 8.32 -13.50
N GLY A 238 -0.14 7.57 -14.59
CA GLY A 238 -0.73 6.25 -14.48
C GLY A 238 0.27 5.18 -14.05
N ALA A 239 1.47 5.23 -14.62
CA ALA A 239 2.49 4.24 -14.25
C ALA A 239 2.82 4.30 -12.77
N THR A 240 2.77 5.49 -12.15
CA THR A 240 3.07 5.62 -10.73
C THR A 240 1.93 5.11 -9.85
N ASN A 241 0.68 5.23 -10.32
CA ASN A 241 -0.44 4.63 -9.54
C ASN A 241 -0.30 3.11 -9.62
N ILE A 242 0.22 2.58 -10.73
CA ILE A 242 0.45 1.14 -10.77
C ILE A 242 1.63 0.74 -9.89
N LEU A 243 2.66 1.58 -9.80
CA LEU A 243 3.76 1.29 -8.89
C LEU A 243 3.29 1.28 -7.44
N TYR A 244 2.45 2.23 -7.07
CA TYR A 244 1.93 2.33 -5.72
C TYR A 244 1.21 1.05 -5.29
N THR A 245 0.49 0.42 -6.22
CA THR A 245 -0.42 -0.67 -5.86
C THR A 245 0.33 -1.86 -5.25
N PHE A 246 1.45 -2.24 -5.85
CA PHE A 246 2.14 -3.46 -5.46
C PHE A 246 3.24 -3.22 -4.43
N GLY A 247 3.15 -2.13 -3.68
CA GLY A 247 4.01 -1.88 -2.54
C GLY A 247 3.32 -2.01 -1.20
N GLY A 248 2.11 -2.55 -1.18
CA GLY A 248 1.42 -2.72 0.09
C GLY A 248 1.80 -3.99 0.81
N HIS A 249 2.27 -4.99 0.06
CA HIS A 249 2.73 -6.23 0.70
C HIS A 249 4.00 -5.98 1.50
N ALA A 250 5.00 -5.36 0.90
CA ALA A 250 6.29 -5.21 1.56
C ALA A 250 6.24 -4.20 2.68
N VAL A 251 5.19 -3.37 2.74
CA VAL A 251 5.14 -2.34 3.76
C VAL A 251 4.71 -2.94 5.10
N THR A 252 4.03 -4.09 5.07
CA THR A 252 3.65 -4.74 6.32
C THR A 252 4.80 -5.57 6.87
N VAL A 253 5.61 -6.15 5.99
CA VAL A 253 6.80 -6.92 6.38
C VAL A 253 7.81 -5.99 7.04
N GLU A 254 7.59 -4.68 6.94
CA GLU A 254 8.43 -3.70 7.60
C GLU A 254 7.89 -3.26 8.95
N ILE A 255 6.71 -3.70 9.35
CA ILE A 255 6.11 -3.32 10.62
C ILE A 255 5.88 -4.53 11.52
N MET A 256 5.04 -5.47 11.06
CA MET A 256 4.74 -6.63 11.90
C MET A 256 5.79 -7.73 11.76
N HIS A 257 5.86 -8.36 10.59
CA HIS A 257 6.81 -9.43 10.30
C HIS A 257 6.98 -10.44 11.43
N ALA A 258 5.98 -11.28 11.68
CA ALA A 258 6.18 -12.40 12.59
C ALA A 258 6.99 -13.50 11.91
N MET A 259 7.98 -14.05 12.62
CA MET A 259 8.77 -15.17 12.15
C MET A 259 8.97 -16.18 13.27
N TRP A 260 9.32 -17.40 12.89
CA TRP A 260 9.43 -18.50 13.84
C TRP A 260 10.50 -19.48 13.34
N LYS A 261 10.52 -20.68 13.92
CA LYS A 261 11.47 -21.69 13.54
C LYS A 261 11.20 -22.17 12.11
N PRO A 262 12.22 -22.69 11.43
CA PRO A 262 12.03 -23.10 10.03
C PRO A 262 11.25 -24.39 9.88
N GLN A 263 10.68 -24.57 8.69
CA GLN A 263 9.94 -25.75 8.27
C GLN A 263 10.60 -26.33 7.02
N LYS A 264 9.95 -27.32 6.42
CA LYS A 264 10.52 -27.98 5.24
C LYS A 264 10.25 -27.22 3.95
N PHE A 265 9.35 -26.23 3.97
CA PHE A 265 9.11 -25.33 2.84
C PHE A 265 8.65 -26.11 1.60
N LYS A 266 7.42 -26.61 1.67
CA LYS A 266 6.73 -27.07 0.47
C LYS A 266 6.69 -25.95 -0.56
N TYR A 267 7.02 -26.28 -1.80
CA TYR A 267 7.21 -25.28 -2.86
C TYR A 267 5.88 -24.73 -3.39
N ILE A 268 4.76 -25.29 -2.94
CA ILE A 268 3.46 -24.78 -3.38
C ILE A 268 3.15 -23.45 -2.70
N TYR A 269 3.91 -23.07 -1.68
CA TYR A 269 3.61 -21.86 -0.93
C TYR A 269 3.75 -20.62 -1.81
N LEU A 270 4.58 -20.71 -2.87
CA LEU A 270 4.76 -19.57 -3.75
C LEU A 270 3.50 -19.20 -4.52
N MET A 271 2.58 -20.14 -4.71
CA MET A 271 1.38 -19.87 -5.48
C MET A 271 0.37 -19.00 -4.76
N ALA A 272 0.73 -18.45 -3.59
CA ALA A 272 -0.10 -17.49 -2.90
C ALA A 272 0.38 -16.06 -3.12
N THR A 273 1.58 -15.88 -3.68
CA THR A 273 2.05 -14.54 -4.01
C THR A 273 1.33 -13.99 -5.22
N LEU A 274 1.05 -14.83 -6.21
CA LEU A 274 0.34 -14.44 -7.43
C LEU A 274 -1.15 -14.74 -7.34
N TYR A 275 -1.78 -14.29 -6.26
CA TYR A 275 -3.23 -14.30 -6.12
C TYR A 275 -3.83 -12.91 -6.20
N VAL A 276 -3.03 -11.87 -6.02
CA VAL A 276 -3.49 -10.50 -6.22
C VAL A 276 -3.71 -10.21 -7.70
N PHE A 277 -3.16 -11.03 -8.59
CA PHE A 277 -3.34 -10.81 -10.02
C PHE A 277 -4.78 -11.10 -10.44
N THR A 278 -5.36 -12.19 -9.95
CA THR A 278 -6.76 -12.47 -10.25
C THR A 278 -7.70 -11.46 -9.63
N LEU A 279 -7.21 -10.65 -8.69
CA LEU A 279 -7.98 -9.55 -8.15
C LEU A 279 -7.84 -8.28 -8.97
N THR A 280 -6.65 -7.97 -9.46
CA THR A 280 -6.40 -6.67 -10.08
C THR A 280 -6.52 -6.66 -11.59
N ILE A 281 -6.20 -7.75 -12.28
CA ILE A 281 -6.18 -7.72 -13.75
C ILE A 281 -7.58 -7.79 -14.34
N PRO A 282 -8.42 -8.79 -14.02
CA PRO A 282 -9.71 -8.87 -14.70
C PRO A 282 -10.62 -7.70 -14.40
N SER A 283 -10.66 -7.22 -13.15
CA SER A 283 -11.57 -6.14 -12.79
C SER A 283 -11.20 -4.85 -13.51
N ALA A 284 -9.92 -4.53 -13.58
CA ALA A 284 -9.46 -3.31 -14.24
C ALA A 284 -9.55 -3.41 -15.76
N ALA A 285 -9.38 -4.61 -16.32
CA ALA A 285 -9.50 -4.76 -17.76
C ALA A 285 -10.95 -4.68 -18.22
N ALA A 286 -11.88 -5.31 -17.49
CA ALA A 286 -13.26 -5.39 -17.92
C ALA A 286 -14.05 -4.10 -17.69
N VAL A 287 -13.62 -3.24 -16.79
CA VAL A 287 -14.27 -1.94 -16.62
C VAL A 287 -13.83 -0.97 -17.70
N TYR A 288 -12.54 -0.94 -18.00
CA TYR A 288 -12.05 -0.10 -19.09
C TYR A 288 -12.58 -0.57 -20.43
N TRP A 289 -12.61 -1.88 -20.68
CA TRP A 289 -13.15 -2.39 -21.94
C TRP A 289 -14.57 -1.91 -22.17
N ALA A 290 -15.37 -1.81 -21.12
CA ALA A 290 -16.76 -1.45 -21.28
C ALA A 290 -16.97 0.06 -21.33
N PHE A 291 -16.21 0.82 -20.57
CA PHE A 291 -16.50 2.24 -20.41
C PHE A 291 -15.54 3.18 -21.11
N GLY A 292 -14.52 2.66 -21.80
CA GLY A 292 -13.77 3.48 -22.73
C GLY A 292 -13.07 4.66 -22.10
N ASP A 293 -13.22 5.82 -22.72
CA ASP A 293 -12.52 7.04 -22.33
C ASP A 293 -13.38 7.95 -21.49
N ALA A 294 -14.43 7.44 -20.87
CA ALA A 294 -15.17 8.18 -19.86
C ALA A 294 -14.54 8.03 -18.49
N LEU A 295 -13.46 7.27 -18.38
CA LEU A 295 -12.80 7.01 -17.12
C LEU A 295 -11.73 8.03 -16.77
N LEU A 296 -11.19 8.74 -17.75
CA LEU A 296 -10.24 9.80 -17.45
C LEU A 296 -10.90 11.02 -16.83
N ASP A 297 -12.17 10.90 -16.45
CA ASP A 297 -12.88 11.92 -15.72
C ASP A 297 -13.46 11.40 -14.41
N HIS A 298 -13.46 10.09 -14.18
CA HIS A 298 -14.05 9.47 -13.00
C HIS A 298 -13.04 8.51 -12.39
N SER A 299 -12.48 8.87 -11.23
CA SER A 299 -11.48 8.03 -10.59
C SER A 299 -12.12 6.93 -9.76
N ASN A 300 -13.31 7.19 -9.20
CA ASN A 300 -14.05 6.17 -8.48
C ASN A 300 -14.94 5.41 -9.45
N ALA A 301 -14.67 4.12 -9.62
CA ALA A 301 -15.37 3.33 -10.64
C ALA A 301 -16.82 3.08 -10.29
N PHE A 302 -17.23 3.27 -9.05
CA PHE A 302 -18.62 3.10 -8.65
C PHE A 302 -19.53 4.14 -9.27
N SER A 303 -18.99 5.20 -9.86
CA SER A 303 -19.80 6.27 -10.41
C SER A 303 -20.37 5.94 -11.78
N LEU A 304 -19.86 4.95 -12.47
CA LEU A 304 -20.34 4.55 -13.78
C LEU A 304 -21.22 3.31 -13.74
N MET A 305 -21.07 2.46 -12.74
CA MET A 305 -21.83 1.23 -12.67
C MET A 305 -23.30 1.52 -12.39
N PRO A 306 -24.22 0.72 -12.92
CA PRO A 306 -25.64 0.95 -12.68
C PRO A 306 -26.02 0.59 -11.26
N LYS A 307 -26.87 1.40 -10.62
CA LYS A 307 -27.17 1.15 -9.19
C LYS A 307 -28.02 -0.10 -9.01
N ASN A 308 -27.61 -1.01 -8.12
CA ASN A 308 -28.39 -2.24 -7.82
C ASN A 308 -27.99 -2.69 -6.41
N ALA A 309 -28.71 -3.67 -5.85
CA ALA A 309 -28.40 -4.14 -4.48
C ALA A 309 -26.95 -4.60 -4.41
N TRP A 310 -26.43 -5.20 -5.49
CA TRP A 310 -25.03 -5.67 -5.53
C TRP A 310 -24.07 -4.50 -5.34
N ARG A 311 -24.31 -3.39 -6.05
CA ARG A 311 -23.45 -2.19 -5.92
C ARG A 311 -23.51 -1.69 -4.48
N ASP A 312 -24.71 -1.64 -3.88
CA ASP A 312 -24.87 -1.14 -2.50
C ASP A 312 -24.11 -2.06 -1.53
N ALA A 313 -24.16 -3.38 -1.77
CA ALA A 313 -23.44 -4.34 -0.90
C ALA A 313 -21.94 -4.09 -1.00
N ALA A 314 -21.44 -3.81 -2.21
CA ALA A 314 -20.00 -3.61 -2.39
C ALA A 314 -19.52 -2.33 -1.76
N VAL A 315 -20.32 -1.26 -1.82
CA VAL A 315 -19.97 -0.01 -1.15
C VAL A 315 -19.84 -0.22 0.35
N ILE A 316 -20.79 -0.97 0.94
CA ILE A 316 -20.77 -1.19 2.38
C ILE A 316 -19.57 -2.03 2.78
N LEU A 317 -19.26 -3.05 1.99
CA LEU A 317 -18.08 -3.87 2.28
C LEU A 317 -16.80 -3.06 2.17
N MET A 318 -16.74 -2.16 1.19
CA MET A 318 -15.55 -1.33 1.05
C MET A 318 -15.42 -0.34 2.19
N LEU A 319 -16.55 0.17 2.70
CA LEU A 319 -16.50 1.04 3.87
C LEU A 319 -16.00 0.30 5.09
N ILE A 320 -16.55 -0.89 5.34
CA ILE A 320 -16.10 -1.69 6.48
C ILE A 320 -14.62 -2.02 6.34
N HIS A 321 -14.14 -2.21 5.11
CA HIS A 321 -12.72 -2.52 4.93
C HIS A 321 -11.85 -1.30 5.18
N GLN A 322 -12.22 -0.15 4.62
CA GLN A 322 -11.41 1.04 4.77
C GLN A 322 -11.50 1.67 6.16
N PHE A 323 -12.44 1.22 6.99
CA PHE A 323 -12.45 1.64 8.38
C PHE A 323 -11.49 0.84 9.24
N ILE A 324 -11.02 -0.31 8.77
CA ILE A 324 -10.04 -1.11 9.48
C ILE A 324 -8.62 -0.71 9.11
N THR A 325 -8.38 -0.38 7.84
CA THR A 325 -7.07 0.06 7.42
C THR A 325 -6.68 1.41 8.00
N PHE A 326 -7.64 2.18 8.52
CA PHE A 326 -7.31 3.45 9.15
C PHE A 326 -6.71 3.22 10.53
N GLY A 327 -7.29 2.31 11.32
CA GLY A 327 -6.74 2.03 12.63
C GLY A 327 -5.42 1.30 12.57
N PHE A 328 -5.28 0.38 11.62
CA PHE A 328 -4.04 -0.37 11.47
C PHE A 328 -2.88 0.53 11.02
N ALA A 329 -3.18 1.72 10.54
CA ALA A 329 -2.17 2.71 10.16
C ALA A 329 -1.96 3.77 11.24
N CYS A 330 -3.02 4.14 11.96
CA CYS A 330 -2.91 5.14 13.02
C CYS A 330 -2.39 4.58 14.33
N THR A 331 -2.35 3.25 14.50
CA THR A 331 -1.81 2.71 15.75
C THR A 331 -0.31 2.91 15.89
N PRO A 332 0.53 2.58 14.91
CA PRO A 332 1.97 2.81 15.09
C PRO A 332 2.33 4.27 15.24
N LEU A 333 1.60 5.17 14.58
CA LEU A 333 1.85 6.59 14.77
C LEU A 333 1.56 7.02 16.19
N TYR A 334 0.45 6.53 16.77
CA TYR A 334 0.17 6.79 18.17
C TYR A 334 1.29 6.28 19.06
N PHE A 335 1.76 5.07 18.80
CA PHE A 335 2.83 4.49 19.62
C PHE A 335 4.10 5.32 19.55
N VAL A 336 4.50 5.72 18.34
CA VAL A 336 5.72 6.50 18.16
C VAL A 336 5.57 7.88 18.80
N TRP A 337 4.40 8.50 18.65
CA TRP A 337 4.19 9.81 19.27
C TRP A 337 4.26 9.72 20.79
N GLU A 338 3.64 8.68 21.38
CA GLU A 338 3.70 8.52 22.82
C GLU A 338 5.13 8.28 23.29
N LYS A 339 5.89 7.48 22.54
CA LYS A 339 7.29 7.23 22.91
C LYS A 339 8.10 8.51 22.82
N VAL A 340 7.88 9.31 21.78
CA VAL A 340 8.66 10.53 21.59
C VAL A 340 8.33 11.56 22.65
N ILE A 341 7.04 11.82 22.88
CA ILE A 341 6.65 12.85 23.85
C ILE A 341 7.02 12.48 25.27
N GLY A 342 7.31 11.21 25.54
CA GLY A 342 7.70 10.81 26.87
C GLY A 342 6.56 10.54 27.82
N MET A 343 5.46 9.97 27.33
CA MET A 343 4.29 9.68 28.16
C MET A 343 3.74 8.30 27.83
N HIS A 344 4.63 7.30 27.75
CA HIS A 344 4.19 5.96 27.35
C HIS A 344 3.26 5.36 28.38
N ASP A 345 3.43 5.69 29.65
CA ASP A 345 2.61 5.13 30.72
C ASP A 345 1.44 6.04 31.05
N THR A 346 0.23 5.50 30.96
CA THR A 346 -0.98 6.24 31.30
C THR A 346 -2.06 5.26 31.74
N LYS A 347 -2.72 5.58 32.84
CA LYS A 347 -3.68 4.68 33.46
C LYS A 347 -5.12 5.03 33.14
N SER A 348 -5.44 6.31 32.98
CA SER A 348 -6.79 6.71 32.61
C SER A 348 -6.94 6.72 31.10
N ILE A 349 -8.17 6.50 30.63
CA ILE A 349 -8.44 6.57 29.20
C ILE A 349 -8.59 8.02 28.75
N CYS A 350 -8.91 8.93 29.67
CA CYS A 350 -9.13 10.33 29.33
C CYS A 350 -7.83 11.10 29.18
N LEU A 351 -6.72 10.60 29.71
CA LEU A 351 -5.43 11.26 29.54
C LEU A 351 -4.76 10.85 28.25
N ARG A 352 -4.76 9.55 27.95
CA ARG A 352 -4.22 9.07 26.68
C ARG A 352 -4.85 9.79 25.50
N ALA A 353 -6.18 9.77 25.44
CA ALA A 353 -6.88 10.38 24.30
C ALA A 353 -6.52 11.85 24.16
N LEU A 354 -6.58 12.59 25.26
CA LEU A 354 -6.35 14.03 25.19
C LEU A 354 -4.92 14.34 24.75
N ALA A 355 -3.93 13.56 25.22
CA ALA A 355 -2.57 13.80 24.77
C ALA A 355 -2.38 13.33 23.34
N ARG A 356 -3.20 12.39 22.89
CA ARG A 356 -3.06 11.77 21.58
C ARG A 356 -3.88 12.49 20.51
N LEU A 357 -3.82 13.82 20.50
CA LEU A 357 -4.55 14.57 19.48
C LEU A 357 -3.79 15.75 18.89
N PRO A 358 -2.48 15.68 18.65
CA PRO A 358 -1.89 16.45 17.54
C PRO A 358 -1.62 15.62 16.29
N VAL A 359 -1.91 14.32 16.33
CA VAL A 359 -1.59 13.40 15.24
C VAL A 359 -2.79 13.12 14.34
N VAL A 360 -4.00 13.28 14.85
CA VAL A 360 -5.20 13.04 14.05
C VAL A 360 -5.86 14.33 13.54
N ILE A 361 -5.39 15.50 13.97
CA ILE A 361 -5.94 16.77 13.50
C ILE A 361 -5.34 17.13 12.14
N PRO A 362 -4.03 16.97 11.91
CA PRO A 362 -3.51 17.14 10.54
C PRO A 362 -3.94 16.06 9.58
N ILE A 363 -4.24 14.85 10.06
CA ILE A 363 -4.79 13.82 9.17
C ILE A 363 -6.19 14.19 8.71
N TRP A 364 -6.89 15.02 9.46
CA TRP A 364 -8.23 15.51 9.15
C TRP A 364 -8.21 16.75 8.27
N PHE A 365 -7.38 17.72 8.61
CA PHE A 365 -7.29 18.93 7.79
C PHE A 365 -6.78 18.61 6.38
N LEU A 366 -5.85 17.66 6.28
CA LEU A 366 -5.30 17.31 4.97
C LEU A 366 -6.31 16.59 4.11
N ALA A 367 -7.21 15.84 4.72
CA ALA A 367 -8.27 15.17 3.95
C ALA A 367 -9.37 16.15 3.58
N ILE A 368 -9.57 17.20 4.37
CA ILE A 368 -10.57 18.20 4.01
C ILE A 368 -10.06 19.11 2.90
N ILE A 369 -8.76 19.42 2.89
CA ILE A 369 -8.30 20.47 1.98
C ILE A 369 -8.03 19.92 0.57
N PHE A 370 -7.47 18.72 0.45
CA PHE A 370 -7.06 18.14 -0.83
C PHE A 370 -7.80 16.83 -1.07
N PRO A 371 -9.09 16.87 -1.43
CA PRO A 371 -9.90 15.65 -1.54
C PRO A 371 -9.86 15.00 -2.91
N PHE A 372 -8.65 14.77 -3.43
CA PHE A 372 -8.48 14.29 -4.81
C PHE A 372 -8.24 12.79 -4.78
N PHE A 373 -9.34 12.04 -4.78
CA PHE A 373 -9.30 10.58 -4.74
C PHE A 373 -8.85 10.07 -6.09
N GLY A 374 -7.58 9.64 -6.18
CA GLY A 374 -7.06 9.02 -7.38
C GLY A 374 -5.83 9.72 -7.94
N PRO A 375 -5.85 11.05 -8.02
CA PRO A 375 -4.63 11.81 -8.30
C PRO A 375 -3.66 11.94 -7.13
N ILE A 376 -3.96 11.37 -5.97
CA ILE A 376 -3.10 11.53 -4.80
C ILE A 376 -2.27 10.27 -4.61
N ASN A 377 -2.78 9.14 -5.10
CA ASN A 377 -2.00 7.92 -5.10
C ASN A 377 -0.71 8.10 -5.89
N SER A 378 -0.78 8.79 -7.01
CA SER A 378 0.39 8.97 -7.85
C SER A 378 1.45 9.81 -7.15
N ALA A 379 1.04 10.91 -6.52
CA ALA A 379 1.98 11.77 -5.81
C ALA A 379 2.62 11.04 -4.62
N VAL A 380 1.79 10.37 -3.81
CA VAL A 380 2.33 9.66 -2.65
C VAL A 380 3.27 8.54 -3.11
N GLY A 381 2.88 7.80 -4.15
CA GLY A 381 3.70 6.70 -4.61
C GLY A 381 4.95 7.12 -5.34
N ALA A 382 5.00 8.36 -5.83
CA ALA A 382 6.20 8.87 -6.45
C ALA A 382 7.15 9.50 -5.43
N LEU A 383 6.64 10.01 -4.32
CA LEU A 383 7.50 10.69 -3.36
C LEU A 383 7.86 9.88 -2.14
N LEU A 384 7.09 8.86 -1.76
CA LEU A 384 7.41 8.13 -0.54
C LEU A 384 7.53 6.63 -0.75
N VAL A 385 6.66 6.03 -1.57
CA VAL A 385 6.65 4.58 -1.72
C VAL A 385 7.88 4.11 -2.47
N SER A 386 8.32 4.88 -3.47
CA SER A 386 9.47 4.48 -4.27
C SER A 386 10.73 4.39 -3.43
N PHE A 387 10.80 5.17 -2.35
CA PHE A 387 11.97 5.11 -1.46
C PHE A 387 11.78 4.10 -0.34
N THR A 388 10.56 4.01 0.21
CA THR A 388 10.34 3.14 1.35
C THR A 388 10.39 1.67 0.96
N VAL A 389 9.80 1.31 -0.19
CA VAL A 389 9.54 -0.09 -0.49
C VAL A 389 10.60 -0.66 -1.43
N TYR A 390 11.14 0.17 -2.31
CA TYR A 390 11.96 -0.32 -3.42
C TYR A 390 13.44 0.00 -3.28
N ILE A 391 13.80 1.26 -3.02
CA ILE A 391 15.20 1.64 -3.10
C ILE A 391 15.95 1.30 -1.81
N ILE A 392 15.31 1.46 -0.67
CA ILE A 392 15.99 1.25 0.62
C ILE A 392 16.19 -0.24 0.90
N PRO A 393 15.20 -1.12 0.73
CA PRO A 393 15.47 -2.55 0.94
C PRO A 393 16.52 -3.12 0.02
N SER A 394 16.63 -2.63 -1.21
CA SER A 394 17.62 -3.13 -2.15
C SER A 394 18.97 -2.46 -2.00
N LEU A 395 19.02 -1.29 -1.35
CA LEU A 395 20.31 -0.68 -1.05
C LEU A 395 20.91 -1.22 0.23
N ALA A 396 20.08 -1.54 1.22
CA ALA A 396 20.57 -2.14 2.46
C ALA A 396 21.16 -3.52 2.21
N HIS A 397 20.51 -4.32 1.37
CA HIS A 397 21.05 -5.63 1.02
C HIS A 397 22.35 -5.52 0.26
N MET A 398 22.51 -4.51 -0.61
CA MET A 398 23.75 -4.36 -1.35
C MET A 398 24.88 -3.90 -0.45
N LEU A 399 24.60 -2.98 0.47
CA LEU A 399 25.61 -2.47 1.38
C LEU A 399 25.94 -3.42 2.52
N THR A 400 25.08 -4.41 2.80
CA THR A 400 25.35 -5.32 3.90
C THR A 400 26.34 -6.42 3.52
N TYR A 401 26.19 -7.02 2.34
CA TYR A 401 27.01 -8.15 1.92
C TYR A 401 28.17 -7.74 1.03
N ARG A 402 28.73 -6.55 1.27
CA ARG A 402 29.78 -6.03 0.40
C ARG A 402 31.06 -6.86 0.48
N SER A 403 31.49 -7.19 1.69
CA SER A 403 32.76 -7.87 1.88
C SER A 403 32.58 -9.38 1.83
N ALA A 404 33.62 -10.08 1.38
CA ALA A 404 33.55 -11.53 1.31
C ALA A 404 33.40 -12.17 2.68
N SER A 405 33.85 -11.50 3.73
CA SER A 405 33.66 -12.03 5.09
C SER A 405 32.19 -11.99 5.49
N ALA A 406 31.46 -10.97 5.02
CA ALA A 406 30.02 -10.91 5.25
C ALA A 406 29.25 -11.84 4.33
N ARG A 407 29.86 -12.30 3.25
CA ARG A 407 29.19 -13.13 2.27
C ARG A 407 29.43 -14.62 2.48
N GLN A 408 30.55 -15.00 3.10
CA GLN A 408 30.81 -16.40 3.40
C GLN A 408 30.10 -16.82 4.69
N ASN A 409 30.08 -15.95 5.68
CA ASN A 409 29.41 -16.21 6.95
C ASN A 409 27.98 -15.65 6.96
N ALA A 410 27.21 -16.01 5.94
CA ALA A 410 25.86 -15.49 5.80
C ALA A 410 24.86 -16.40 6.50
N ALA A 411 23.73 -15.82 6.91
CA ALA A 411 22.68 -16.59 7.54
C ALA A 411 21.84 -17.37 6.54
N GLU A 412 21.75 -16.91 5.30
CA GLU A 412 20.95 -17.58 4.28
C GLU A 412 21.69 -17.48 2.96
N LYS A 413 22.00 -18.63 2.36
CA LYS A 413 22.58 -18.66 1.04
C LYS A 413 21.59 -18.11 0.03
N PRO A 414 22.05 -17.70 -1.16
CA PRO A 414 21.13 -17.19 -2.16
C PRO A 414 20.09 -18.25 -2.52
N PRO A 415 18.90 -17.82 -2.92
CA PRO A 415 17.80 -18.78 -3.13
C PRO A 415 18.06 -19.67 -4.33
N PHE A 416 17.15 -20.64 -4.50
CA PHE A 416 17.30 -21.61 -5.58
C PHE A 416 16.98 -20.99 -6.94
N PHE A 417 16.16 -19.94 -6.96
CA PHE A 417 15.82 -19.32 -8.24
C PHE A 417 16.84 -18.24 -8.63
N MET A 418 17.83 -17.99 -7.78
CA MET A 418 18.94 -17.08 -8.07
C MET A 418 20.21 -17.62 -7.45
N PRO A 419 20.96 -18.47 -8.17
CA PRO A 419 22.11 -19.16 -7.56
C PRO A 419 23.25 -18.25 -7.17
N SER A 420 23.76 -17.44 -8.09
CA SER A 420 24.97 -16.69 -7.84
C SER A 420 24.70 -15.45 -6.99
N TRP A 421 25.78 -14.81 -6.53
CA TRP A 421 25.67 -13.52 -5.87
C TRP A 421 25.63 -12.39 -6.90
N THR A 422 26.35 -12.55 -8.01
CA THR A 422 26.34 -11.51 -9.06
C THR A 422 24.95 -11.30 -9.61
N ALA A 423 24.15 -12.36 -9.69
CA ALA A 423 22.77 -12.21 -10.16
C ALA A 423 21.98 -11.30 -9.23
N MET A 424 22.06 -11.54 -7.92
CA MET A 424 21.35 -10.69 -6.97
C MET A 424 21.86 -9.25 -7.04
N TYR A 425 23.17 -9.07 -7.17
CA TYR A 425 23.71 -7.71 -7.22
C TYR A 425 23.26 -6.96 -8.46
N VAL A 426 23.24 -7.64 -9.61
CA VAL A 426 22.79 -7.01 -10.84
C VAL A 426 21.31 -6.65 -10.74
N LEU A 427 20.50 -7.56 -10.19
CA LEU A 427 19.07 -7.27 -10.04
C LEU A 427 18.83 -6.08 -9.11
N ASN A 428 19.61 -6.00 -8.04
CA ASN A 428 19.45 -4.89 -7.10
C ASN A 428 19.85 -3.56 -7.75
N ALA A 429 20.96 -3.54 -8.48
CA ALA A 429 21.37 -2.29 -9.13
C ALA A 429 20.34 -1.86 -10.16
N PHE A 430 19.78 -2.81 -10.92
CA PHE A 430 18.74 -2.46 -11.88
C PHE A 430 17.51 -1.88 -11.18
N VAL A 431 17.06 -2.53 -10.10
CA VAL A 431 15.91 -2.02 -9.36
C VAL A 431 16.17 -0.60 -8.91
N VAL A 432 17.36 -0.34 -8.35
CA VAL A 432 17.67 0.97 -7.82
C VAL A 432 17.62 2.03 -8.92
N VAL A 433 18.35 1.80 -10.02
CA VAL A 433 18.42 2.81 -11.07
C VAL A 433 17.06 3.03 -11.72
N TRP A 434 16.33 1.95 -12.00
CA TRP A 434 15.03 2.08 -12.65
C TRP A 434 14.06 2.87 -11.77
N VAL A 435 13.92 2.48 -10.51
CA VAL A 435 12.95 3.17 -9.65
C VAL A 435 13.41 4.59 -9.36
N LEU A 436 14.72 4.83 -9.45
CA LEU A 436 15.22 6.19 -9.20
C LEU A 436 14.87 7.12 -10.34
N ILE A 437 15.00 6.66 -11.58
CA ILE A 437 14.72 7.55 -12.72
C ILE A 437 13.25 7.55 -13.10
N VAL A 438 12.68 6.39 -13.40
CA VAL A 438 11.31 6.35 -13.91
C VAL A 438 10.32 6.59 -12.78
N GLY A 439 10.63 6.11 -11.58
CA GLY A 439 9.67 6.18 -10.49
C GLY A 439 9.69 7.51 -9.76
N PHE A 440 10.85 8.16 -9.72
CA PHE A 440 11.01 9.43 -9.00
C PHE A 440 11.22 10.61 -9.94
N GLY A 441 12.00 10.45 -10.99
CA GLY A 441 12.25 11.57 -11.89
C GLY A 441 11.05 11.92 -12.76
N PHE A 442 10.69 11.03 -13.68
CA PHE A 442 9.54 11.23 -14.55
C PHE A 442 8.23 11.14 -13.78
N GLY A 443 8.07 10.08 -12.99
CA GLY A 443 6.88 9.95 -12.17
C GLY A 443 6.64 11.15 -11.28
N GLY A 444 7.71 11.70 -10.70
CA GLY A 444 7.55 12.84 -9.83
C GLY A 444 7.07 14.08 -10.56
N TRP A 445 7.75 14.44 -11.65
CA TRP A 445 7.35 15.61 -12.42
C TRP A 445 5.92 15.47 -12.91
N ALA A 446 5.58 14.32 -13.50
CA ALA A 446 4.24 14.10 -14.03
C ALA A 446 3.19 14.18 -12.93
N SER A 447 3.39 13.46 -11.84
CA SER A 447 2.37 13.37 -10.81
C SER A 447 2.16 14.70 -10.10
N VAL A 448 3.24 15.46 -9.90
CA VAL A 448 3.09 16.76 -9.24
C VAL A 448 2.43 17.77 -10.18
N THR A 449 2.75 17.70 -11.47
CA THR A 449 2.05 18.57 -12.43
C THR A 449 0.56 18.27 -12.45
N ASN A 450 0.20 16.98 -12.41
CA ASN A 450 -1.22 16.61 -12.39
C ASN A 450 -1.90 17.06 -11.10
N PHE A 451 -1.22 16.89 -9.96
CA PHE A 451 -1.78 17.30 -8.68
C PHE A 451 -1.99 18.81 -8.63
N VAL A 452 -1.11 19.58 -9.27
CA VAL A 452 -1.32 21.03 -9.29
C VAL A 452 -2.41 21.40 -10.28
N ARG A 453 -2.57 20.63 -11.36
CA ARG A 453 -3.68 20.85 -12.28
C ARG A 453 -5.02 20.69 -11.57
N GLN A 454 -5.13 19.68 -10.72
CA GLN A 454 -6.39 19.46 -10.01
C GLN A 454 -6.75 20.65 -9.13
N VAL A 455 -5.75 21.27 -8.51
CA VAL A 455 -6.00 22.42 -7.65
C VAL A 455 -6.32 23.66 -8.47
N ASP A 456 -5.63 23.83 -9.61
CA ASP A 456 -5.97 24.92 -10.51
C ASP A 456 -7.42 24.82 -10.97
N THR A 457 -7.92 23.59 -11.15
CA THR A 457 -9.26 23.42 -11.68
C THR A 457 -10.33 23.55 -10.59
N PHE A 458 -10.21 22.78 -9.51
CA PHE A 458 -11.29 22.68 -8.52
C PHE A 458 -11.15 23.63 -7.34
N GLY A 459 -9.97 24.19 -7.11
CA GLY A 459 -9.79 25.07 -5.97
C GLY A 459 -9.49 24.32 -4.69
N LEU A 460 -9.35 25.08 -3.62
CA LEU A 460 -9.07 24.51 -2.31
C LEU A 460 -10.35 24.36 -1.51
N PHE A 461 -10.38 23.36 -0.64
CA PHE A 461 -11.57 22.99 0.12
C PHE A 461 -12.74 22.73 -0.81
N ALA A 462 -12.49 21.92 -1.85
CA ALA A 462 -13.51 21.64 -2.85
C ALA A 462 -14.73 21.00 -2.21
N LYS A 463 -15.90 21.32 -2.77
CA LYS A 463 -17.17 20.91 -2.18
C LYS A 463 -17.56 19.50 -2.61
N CYS A 464 -17.56 19.24 -3.91
CA CYS A 464 -17.78 17.89 -4.44
C CYS A 464 -16.80 17.68 -5.58
N TYR A 465 -15.86 16.77 -5.39
CA TYR A 465 -14.87 16.46 -6.41
C TYR A 465 -15.44 15.43 -7.38
N GLN A 466 -15.63 15.83 -8.63
CA GLN A 466 -16.12 14.97 -9.71
C GLN A 466 -17.57 14.52 -9.45
N CYS A 467 -18.43 15.50 -9.20
CA CYS A 467 -19.86 15.26 -9.09
C CYS A 467 -20.58 16.12 -10.12
N LYS A 468 -21.62 15.54 -10.72
CA LYS A 468 -22.33 16.18 -11.82
C LYS A 468 -22.88 17.55 -11.46
#